data_5JKN
#
_entry.id   5JKN
#
_cell.length_a   99.671
_cell.length_b   99.671
_cell.length_c   165.123
_cell.angle_alpha   90.00
_cell.angle_beta   90.00
_cell.angle_gamma   90.00
#
_symmetry.space_group_name_H-M   'P 41 2 2'
#
loop_
_entity.id
_entity.type
_entity.pdbx_description
1 polymer 'Protein FAM63A'
2 non-polymer DI(HYDROXYETHYL)ETHER
3 non-polymer 'PHOSPHATE ION'
4 non-polymer 'MERCURY (II) ION'
#
_entity_poly.entity_id   1
_entity_poly.type   'polypeptide(L)'
_entity_poly.pdbx_seq_one_letter_code
;GPLGSPEFPGRLEMEPDFYCVKWIPWKGEQTPIITQSTNGPCPLLAIMNILFLQWKVKLPPQKEVITSDELMAHLGNCLL
SIKPQEKSEGLQLNFQQNVDDAMTVLPKLATGLDVNVRFTGVSDFEYTPECSVFDLLGIPLYHGWLVDPQSPEAVRAVGK
LSYNQLVERIITCKHSSDTNLVTEGLIAEQFLETTAAQLTYHGLCELTAAAKEGELSVFFRNNHFSTMTKHKSHLYLLVT
DQGFLQEEQVVWESLHNVDGDSCFCDSDFHLSHSLGKGPGAEGGSGSPE
;
_entity_poly.pdbx_strand_id   A
#
loop_
_chem_comp.id
_chem_comp.type
_chem_comp.name
_chem_comp.formula
HG non-polymer 'MERCURY (II) ION' 'Hg 2'
PEG non-polymer DI(HYDROXYETHYL)ETHER 'C4 H10 O3'
PO4 non-polymer 'PHOSPHATE ION' 'O4 P -3'
#
# COMPACT_ATOMS: atom_id res chain seq x y z
N PRO A 16 1.35 8.81 -15.94
CA PRO A 16 -0.05 8.35 -15.93
C PRO A 16 -0.56 7.75 -17.26
N ASP A 17 -0.14 8.33 -18.38
CA ASP A 17 -0.52 7.85 -19.72
C ASP A 17 -0.07 6.41 -20.06
N PHE A 18 1.24 6.21 -20.24
CA PHE A 18 1.82 4.93 -20.64
C PHE A 18 2.76 4.42 -19.55
N TYR A 19 2.85 3.10 -19.41
CA TYR A 19 3.72 2.46 -18.43
C TYR A 19 4.52 1.36 -19.11
N CYS A 20 5.77 1.18 -18.72
CA CYS A 20 6.61 0.13 -19.32
C CYS A 20 6.42 -1.22 -18.62
N VAL A 21 6.28 -2.27 -19.42
CA VAL A 21 6.16 -3.64 -18.93
C VAL A 21 7.56 -4.21 -18.77
N LYS A 22 7.76 -5.00 -17.72
CA LYS A 22 9.03 -5.63 -17.42
C LYS A 22 8.78 -7.10 -17.15
N TRP A 23 9.42 -7.96 -17.94
CA TRP A 23 9.21 -9.39 -17.84
C TRP A 23 10.25 -10.01 -16.93
N ILE A 24 9.80 -10.86 -16.01
CA ILE A 24 10.67 -11.47 -15.02
C ILE A 24 10.33 -12.94 -14.83
N PRO A 25 11.28 -13.75 -14.35
CA PRO A 25 11.05 -15.17 -14.14
C PRO A 25 10.42 -15.47 -12.77
N TRP A 26 9.17 -15.09 -12.61
CA TRP A 26 8.45 -15.29 -11.34
C TRP A 26 7.94 -16.73 -11.24
N LYS A 27 8.27 -17.42 -10.13
CA LYS A 27 7.89 -18.83 -9.91
C LYS A 27 8.06 -19.72 -11.17
N GLY A 28 9.19 -19.54 -11.85
CA GLY A 28 9.53 -20.30 -13.06
C GLY A 28 8.65 -20.06 -14.29
N GLU A 29 8.07 -18.88 -14.39
CA GLU A 29 7.20 -18.52 -15.53
C GLU A 29 7.43 -17.05 -15.87
N GLN A 30 7.53 -16.74 -17.16
CA GLN A 30 7.73 -15.34 -17.56
C GLN A 30 6.49 -14.48 -17.25
N THR A 31 6.63 -13.59 -16.26
CA THR A 31 5.52 -12.87 -15.68
C THR A 31 5.72 -11.36 -15.85
N PRO A 32 4.66 -10.61 -16.21
CA PRO A 32 4.89 -9.19 -16.39
C PRO A 32 4.68 -8.40 -15.10
N ILE A 33 5.34 -7.25 -15.04
CA ILE A 33 5.34 -6.35 -13.91
C ILE A 33 5.29 -4.96 -14.55
N ILE A 34 4.69 -4.00 -13.89
CA ILE A 34 4.49 -2.67 -14.47
C ILE A 34 5.39 -1.69 -13.73
N THR A 35 6.07 -0.82 -14.50
CA THR A 35 7.03 0.13 -13.94
C THR A 35 6.58 1.58 -14.10
N GLN A 36 7.08 2.43 -13.22
CA GLN A 36 6.83 3.87 -13.25
C GLN A 36 8.03 4.63 -12.70
N SER A 37 8.45 5.66 -13.42
CA SER A 37 9.39 6.66 -12.89
C SER A 37 8.67 7.69 -12.02
N THR A 38 7.47 8.09 -12.46
CA THR A 38 6.70 9.18 -11.86
C THR A 38 6.47 9.11 -10.33
N ASN A 39 6.46 7.90 -9.74
CA ASN A 39 6.26 7.71 -8.30
C ASN A 39 4.93 8.29 -7.78
N GLY A 40 3.87 8.10 -8.56
CA GLY A 40 2.56 8.68 -8.24
C GLY A 40 1.83 8.00 -7.09
N PRO A 41 0.69 8.59 -6.66
CA PRO A 41 -0.16 8.00 -5.60
C PRO A 41 -1.29 7.09 -6.13
N CYS A 42 -1.17 6.59 -7.37
CA CYS A 42 -2.15 5.66 -7.93
C CYS A 42 -1.90 4.26 -7.37
N PRO A 43 -2.92 3.65 -6.75
CA PRO A 43 -2.77 2.27 -6.32
C PRO A 43 -2.94 1.26 -7.45
N LEU A 44 -3.30 1.71 -8.65
CA LEU A 44 -3.56 0.81 -9.78
C LEU A 44 -2.44 -0.19 -9.97
N LEU A 45 -1.20 0.29 -10.07
CA LEU A 45 -0.04 -0.59 -10.30
C LEU A 45 0.20 -1.55 -9.15
N ALA A 46 0.10 -1.04 -7.93
CA ALA A 46 0.22 -1.89 -6.74
C ALA A 46 -0.75 -3.08 -6.81
N ILE A 47 -1.99 -2.80 -7.17
CA ILE A 47 -3.04 -3.81 -7.26
C ILE A 47 -2.78 -4.71 -8.47
N MET A 48 -2.51 -4.09 -9.61
CA MET A 48 -2.33 -4.82 -10.85
C MET A 48 -1.17 -5.78 -10.83
N ASN A 49 -0.02 -5.31 -10.36
CA ASN A 49 1.16 -6.17 -10.23
C ASN A 49 0.90 -7.39 -9.38
N ILE A 50 0.12 -7.22 -8.31
CA ILE A 50 -0.33 -8.37 -7.53
C ILE A 50 -1.11 -9.34 -8.41
N LEU A 51 -2.03 -8.83 -9.22
CA LEU A 51 -2.81 -9.69 -10.10
C LEU A 51 -1.95 -10.36 -11.16
N PHE A 52 -1.03 -9.62 -11.76
CA PHE A 52 -0.08 -10.23 -12.72
C PHE A 52 0.78 -11.30 -12.07
N LEU A 53 1.29 -11.02 -10.87
CA LEU A 53 2.07 -11.98 -10.10
C LEU A 53 1.29 -13.24 -9.72
N GLN A 54 -0.03 -13.11 -9.54
CA GLN A 54 -0.89 -14.26 -9.29
C GLN A 54 -1.39 -14.90 -10.58
N TRP A 55 -0.93 -14.40 -11.73
CA TRP A 55 -1.35 -14.87 -13.06
C TRP A 55 -2.86 -14.80 -13.30
N LYS A 56 -3.52 -13.82 -12.68
CA LYS A 56 -4.96 -13.63 -12.83
C LYS A 56 -5.28 -12.76 -14.04
N VAL A 57 -4.29 -12.00 -14.49
CA VAL A 57 -4.33 -11.35 -15.78
C VAL A 57 -3.08 -11.80 -16.52
N LYS A 58 -3.22 -12.03 -17.82
CA LYS A 58 -2.11 -12.46 -18.66
C LYS A 58 -1.96 -11.49 -19.81
N LEU A 59 -0.70 -11.21 -20.17
CA LEU A 59 -0.39 -10.33 -21.27
C LEU A 59 0.31 -11.11 -22.39
N PRO A 60 0.14 -10.64 -23.65
CA PRO A 60 0.82 -11.30 -24.75
C PRO A 60 2.34 -11.20 -24.58
N PRO A 61 3.07 -12.32 -24.77
CA PRO A 61 4.49 -12.37 -24.41
C PRO A 61 5.32 -11.20 -24.93
N GLN A 62 5.01 -10.73 -26.12
CA GLN A 62 5.77 -9.63 -26.74
C GLN A 62 5.58 -8.24 -26.11
N LYS A 63 4.55 -8.05 -25.27
CA LYS A 63 4.13 -6.70 -24.87
C LYS A 63 5.22 -5.89 -24.18
N GLU A 64 5.30 -4.61 -24.53
CA GLU A 64 6.33 -3.69 -24.01
C GLU A 64 5.78 -2.51 -23.21
N VAL A 65 4.64 -1.97 -23.65
CA VAL A 65 4.04 -0.79 -23.01
C VAL A 65 2.56 -1.08 -22.74
N ILE A 66 1.98 -0.39 -21.77
CA ILE A 66 0.56 -0.56 -21.41
C ILE A 66 -0.05 0.75 -20.92
N THR A 67 -1.33 0.95 -21.22
CA THR A 67 -2.07 2.18 -20.82
C THR A 67 -2.84 1.94 -19.53
N SER A 68 -3.35 3.01 -18.93
CA SER A 68 -4.29 2.85 -17.81
C SER A 68 -5.56 2.11 -18.23
N ASP A 69 -6.16 2.55 -19.33
CA ASP A 69 -7.44 2.01 -19.80
C ASP A 69 -7.45 0.49 -20.00
N GLU A 70 -6.29 -0.08 -20.32
CA GLU A 70 -6.13 -1.53 -20.36
C GLU A 70 -6.12 -2.13 -18.97
N LEU A 71 -5.32 -1.53 -18.09
CA LEU A 71 -5.20 -2.02 -16.72
C LEU A 71 -6.56 -1.97 -16.03
N MET A 72 -7.25 -0.85 -16.20
CA MET A 72 -8.62 -0.67 -15.71
C MET A 72 -9.54 -1.74 -16.24
N ALA A 73 -9.55 -1.92 -17.54
CA ALA A 73 -10.29 -2.99 -18.18
C ALA A 73 -9.98 -4.35 -17.53
N HIS A 74 -8.69 -4.67 -17.44
CA HIS A 74 -8.27 -5.93 -16.84
C HIS A 74 -8.77 -6.09 -15.42
N LEU A 75 -8.75 -4.98 -14.67
CA LEU A 75 -9.21 -4.94 -13.28
C LEU A 75 -10.71 -5.10 -13.16
N GLY A 76 -11.44 -4.40 -14.02
CA GLY A 76 -12.90 -4.50 -14.07
C GLY A 76 -13.33 -5.94 -14.20
N ASN A 77 -12.97 -6.54 -15.33
CA ASN A 77 -13.17 -7.97 -15.56
C ASN A 77 -12.80 -8.81 -14.34
N CYS A 78 -11.67 -8.50 -13.70
CA CYS A 78 -11.21 -9.30 -12.57
C CYS A 78 -12.16 -9.26 -11.37
N LEU A 79 -12.60 -8.06 -11.00
CA LEU A 79 -13.59 -7.84 -9.93
C LEU A 79 -14.95 -8.45 -10.26
N LEU A 80 -15.42 -8.20 -11.49
CA LEU A 80 -16.72 -8.71 -11.93
C LEU A 80 -16.74 -10.22 -12.08
N SER A 81 -15.57 -10.82 -12.23
CA SER A 81 -15.45 -12.27 -12.26
C SER A 81 -15.23 -12.92 -10.88
N ILE A 82 -15.46 -12.20 -9.78
CA ILE A 82 -15.34 -12.79 -8.43
C ILE A 82 -16.63 -13.48 -8.04
N LYS A 83 -16.57 -14.80 -7.86
CA LYS A 83 -17.70 -15.59 -7.40
C LYS A 83 -17.79 -15.49 -5.86
N PRO A 84 -18.98 -15.19 -5.30
CA PRO A 84 -19.09 -15.12 -3.83
C PRO A 84 -18.97 -16.48 -3.15
N GLN A 85 -18.10 -16.57 -2.14
CA GLN A 85 -17.75 -17.84 -1.51
C GLN A 85 -17.56 -17.66 0.00
N GLU A 86 -18.69 -17.66 0.72
CA GLU A 86 -18.73 -17.59 2.19
C GLU A 86 -18.00 -16.38 2.77
N GLY A 90 -20.76 -15.42 4.07
CA GLY A 90 -20.50 -14.45 5.12
C GLY A 90 -21.38 -13.22 4.98
N LEU A 91 -20.82 -12.15 4.40
CA LEU A 91 -21.50 -10.86 4.26
C LEU A 91 -22.20 -10.78 2.88
N GLN A 92 -23.53 -10.93 2.86
CA GLN A 92 -24.29 -11.22 1.63
C GLN A 92 -24.82 -9.98 0.88
N LEU A 93 -25.65 -9.19 1.55
CA LEU A 93 -26.10 -7.90 1.00
C LEU A 93 -24.92 -6.92 0.88
N ASN A 94 -23.93 -7.10 1.76
CA ASN A 94 -22.66 -6.37 1.71
C ASN A 94 -21.87 -6.67 0.43
N PHE A 95 -21.73 -7.96 0.11
CA PHE A 95 -21.03 -8.41 -1.09
C PHE A 95 -21.47 -7.61 -2.30
N GLN A 96 -22.76 -7.65 -2.58
CA GLN A 96 -23.31 -6.98 -3.75
C GLN A 96 -23.18 -5.46 -3.75
N GLN A 97 -23.25 -4.84 -2.57
CA GLN A 97 -22.98 -3.41 -2.43
C GLN A 97 -21.50 -3.10 -2.61
N ASN A 98 -20.64 -3.95 -2.05
CA ASN A 98 -19.17 -3.83 -2.20
C ASN A 98 -18.73 -3.89 -3.67
N VAL A 99 -19.32 -4.80 -4.44
CA VAL A 99 -19.01 -4.87 -5.87
C VAL A 99 -19.42 -3.57 -6.55
N ASP A 100 -20.63 -3.09 -6.22
CA ASP A 100 -21.15 -1.85 -6.80
C ASP A 100 -20.33 -0.63 -6.33
N ASP A 101 -19.90 -0.66 -5.07
CA ASP A 101 -19.00 0.35 -4.50
C ASP A 101 -17.66 0.34 -5.21
N ALA A 102 -17.13 -0.86 -5.39
CA ALA A 102 -15.87 -1.05 -6.11
C ALA A 102 -15.96 -0.51 -7.52
N MET A 103 -17.03 -0.88 -8.22
CA MET A 103 -17.23 -0.46 -9.60
C MET A 103 -17.41 1.04 -9.76
N THR A 104 -18.20 1.65 -8.88
CA THR A 104 -18.41 3.09 -8.92
C THR A 104 -17.12 3.88 -8.67
N VAL A 105 -16.28 3.43 -7.74
CA VAL A 105 -14.98 4.09 -7.47
C VAL A 105 -13.83 3.64 -8.35
N LEU A 106 -14.04 2.57 -9.12
CA LEU A 106 -12.98 1.98 -9.94
C LEU A 106 -12.24 3.00 -10.80
N PRO A 107 -12.96 3.91 -11.49
CA PRO A 107 -12.24 4.87 -12.35
C PRO A 107 -11.29 5.85 -11.63
N LYS A 108 -11.45 6.04 -10.32
CA LYS A 108 -10.58 6.93 -9.54
C LYS A 108 -9.16 6.39 -9.33
N LEU A 109 -9.02 5.06 -9.39
CA LEU A 109 -7.75 4.39 -9.09
C LEU A 109 -6.60 4.75 -10.04
N ALA A 110 -6.93 5.28 -11.21
CA ALA A 110 -5.91 5.74 -12.16
C ALA A 110 -5.28 7.01 -11.64
N THR A 111 -6.13 8.00 -11.35
CA THR A 111 -5.68 9.36 -11.05
C THR A 111 -4.91 9.47 -9.75
N GLY A 112 -5.51 9.00 -8.66
CA GLY A 112 -4.93 9.17 -7.34
C GLY A 112 -5.95 8.87 -6.28
N LEU A 113 -5.59 9.12 -5.02
CA LEU A 113 -6.42 8.69 -3.91
C LEU A 113 -6.00 9.37 -2.60
N ASP A 114 -6.99 9.87 -1.87
CA ASP A 114 -6.80 10.28 -0.48
C ASP A 114 -6.82 9.03 0.41
N VAL A 115 -5.88 8.95 1.35
CA VAL A 115 -5.77 7.82 2.28
C VAL A 115 -5.59 8.36 3.68
N ASN A 116 -6.53 8.04 4.56
CA ASN A 116 -6.54 8.53 5.93
C ASN A 116 -6.20 7.38 6.87
N VAL A 117 -4.93 7.30 7.28
CA VAL A 117 -4.49 6.18 8.13
C VAL A 117 -4.97 6.34 9.56
N ARG A 118 -4.90 5.27 10.33
CA ARG A 118 -5.09 5.35 11.78
C ARG A 118 -3.83 4.82 12.41
N PHE A 119 -3.51 5.29 13.60
CA PHE A 119 -2.22 4.99 14.23
C PHE A 119 -2.33 3.85 15.24
N THR A 120 -3.46 3.14 15.19
CA THR A 120 -3.83 2.12 16.16
C THR A 120 -3.45 0.69 15.72
N GLY A 121 -2.85 0.56 14.54
CA GLY A 121 -2.60 -0.76 13.94
C GLY A 121 -2.34 -0.68 12.44
N VAL A 122 -1.60 -1.66 11.94
CA VAL A 122 -1.10 -1.63 10.55
C VAL A 122 -2.16 -1.83 9.47
N SER A 123 -3.32 -2.38 9.83
CA SER A 123 -4.43 -2.59 8.87
C SER A 123 -5.58 -1.59 9.03
N ASP A 124 -5.32 -0.48 9.72
CA ASP A 124 -6.35 0.44 10.18
C ASP A 124 -6.38 1.73 9.33
N PHE A 125 -7.51 1.97 8.65
CA PHE A 125 -7.71 3.19 7.85
C PHE A 125 -9.13 3.71 8.10
N GLU A 126 -9.43 4.96 7.72
CA GLU A 126 -10.84 5.37 7.60
C GLU A 126 -11.36 4.66 6.36
N TYR A 127 -12.49 3.97 6.48
CA TYR A 127 -13.10 3.33 5.33
C TYR A 127 -13.51 4.40 4.32
N THR A 128 -13.03 4.25 3.10
CA THR A 128 -13.64 4.89 1.94
C THR A 128 -13.97 3.75 0.98
N PRO A 129 -14.81 3.99 -0.04
CA PRO A 129 -15.23 2.86 -0.84
C PRO A 129 -14.11 2.25 -1.70
N GLU A 130 -13.01 2.99 -1.86
CA GLU A 130 -11.82 2.47 -2.55
C GLU A 130 -11.22 1.28 -1.79
N CYS A 131 -11.44 1.23 -0.48
CA CYS A 131 -11.06 0.06 0.33
C CYS A 131 -11.80 -1.23 -0.07
N SER A 132 -12.92 -1.12 -0.79
CA SER A 132 -13.66 -2.31 -1.24
C SER A 132 -12.94 -3.11 -2.31
N VAL A 133 -12.17 -2.42 -3.14
CA VAL A 133 -11.43 -3.08 -4.23
C VAL A 133 -10.37 -4.03 -3.66
N PHE A 134 -9.64 -3.56 -2.66
CA PHE A 134 -8.66 -4.39 -1.97
C PHE A 134 -9.32 -5.59 -1.32
N ASP A 135 -10.41 -5.34 -0.59
CA ASP A 135 -11.10 -6.38 0.18
C ASP A 135 -11.73 -7.43 -0.71
N LEU A 136 -12.30 -7.00 -1.84
CA LEU A 136 -12.84 -7.94 -2.83
C LEU A 136 -11.80 -8.86 -3.40
N LEU A 137 -10.69 -8.27 -3.85
CA LEU A 137 -9.58 -9.03 -4.43
C LEU A 137 -8.75 -9.82 -3.41
N GLY A 138 -9.05 -9.66 -2.13
CA GLY A 138 -8.37 -10.40 -1.07
C GLY A 138 -6.96 -9.91 -0.81
N ILE A 139 -6.72 -8.65 -1.16
CA ILE A 139 -5.41 -8.04 -1.03
C ILE A 139 -5.42 -7.23 0.25
N PRO A 140 -4.54 -7.58 1.21
CA PRO A 140 -4.42 -6.74 2.40
C PRO A 140 -3.82 -5.39 2.10
N LEU A 141 -4.34 -4.34 2.75
CA LEU A 141 -3.72 -3.02 2.73
C LEU A 141 -3.12 -2.77 4.10
N TYR A 142 -1.86 -2.35 4.12
CA TYR A 142 -1.12 -2.06 5.34
C TYR A 142 -0.46 -0.69 5.30
N HIS A 143 -0.19 -0.13 6.47
CA HIS A 143 0.74 0.99 6.61
C HIS A 143 1.55 0.81 7.90
N GLY A 144 2.64 1.57 8.02
CA GLY A 144 3.57 1.47 9.16
C GLY A 144 3.62 2.65 10.12
N TRP A 145 2.75 3.63 9.90
CA TRP A 145 2.62 4.82 10.75
C TRP A 145 1.85 4.52 12.05
N LEU A 146 2.49 3.83 12.99
CA LEU A 146 1.86 3.46 14.26
C LEU A 146 2.44 4.27 15.40
N VAL A 147 1.58 4.71 16.31
CA VAL A 147 2.00 5.41 17.52
C VAL A 147 2.55 4.38 18.49
N ASP A 148 3.65 4.71 19.16
CA ASP A 148 4.37 3.76 20.02
C ASP A 148 3.64 3.61 21.37
N PRO A 149 3.46 2.37 21.87
CA PRO A 149 3.04 2.20 23.27
C PRO A 149 4.03 2.80 24.29
N GLN A 150 5.30 2.81 23.91
CA GLN A 150 6.32 3.35 24.79
C GLN A 150 6.05 4.78 25.14
N SER A 151 5.64 5.60 24.18
CA SER A 151 5.34 6.98 24.50
C SER A 151 3.85 6.98 24.75
N PRO A 152 3.45 7.13 25.99
CA PRO A 152 2.01 7.09 26.31
C PRO A 152 1.29 8.43 26.41
N GLU A 153 2.02 9.54 26.38
CA GLU A 153 1.41 10.85 26.15
C GLU A 153 0.88 10.96 24.73
N ALA A 154 1.70 10.61 23.75
CA ALA A 154 1.29 10.60 22.34
C ALA A 154 0.10 9.66 22.11
N VAL A 155 0.12 8.50 22.76
CA VAL A 155 -0.98 7.54 22.68
C VAL A 155 -2.29 8.18 23.13
N ARG A 156 -2.24 8.87 24.26
CA ARG A 156 -3.42 9.56 24.80
C ARG A 156 -3.85 10.70 23.87
N ALA A 157 -2.90 11.52 23.44
CA ALA A 157 -3.18 12.69 22.59
C ALA A 157 -3.78 12.32 21.23
N VAL A 158 -3.33 11.21 20.66
CA VAL A 158 -3.78 10.75 19.34
C VAL A 158 -4.99 9.84 19.51
N GLY A 159 -4.81 8.72 20.21
CA GLY A 159 -5.90 7.79 20.57
C GLY A 159 -6.69 7.22 19.40
N LYS A 160 -8.01 7.36 19.48
CA LYS A 160 -8.92 6.87 18.44
C LYS A 160 -8.65 7.50 17.07
N LEU A 161 -8.31 8.79 17.03
CA LEU A 161 -8.30 9.58 15.79
C LEU A 161 -7.49 9.01 14.62
N SER A 162 -8.01 9.28 13.42
CA SER A 162 -7.29 9.07 12.18
C SER A 162 -6.50 10.33 11.85
N TYR A 163 -5.74 10.30 10.76
CA TYR A 163 -4.78 11.36 10.45
C TYR A 163 -5.46 12.69 10.16
N ASN A 164 -6.35 12.70 9.17
CA ASN A 164 -7.09 13.91 8.80
C ASN A 164 -7.96 14.46 9.91
N GLN A 165 -8.37 13.60 10.84
CA GLN A 165 -9.08 14.00 12.04
C GLN A 165 -8.12 14.65 13.04
N LEU A 166 -6.89 14.15 13.09
CA LEU A 166 -5.86 14.69 13.99
C LEU A 166 -5.38 16.07 13.56
N VAL A 167 -5.33 16.35 12.26
CA VAL A 167 -4.97 17.70 11.78
C VAL A 167 -6.07 18.72 12.09
N GLU A 168 -7.34 18.30 11.99
CA GLU A 168 -8.49 19.11 12.42
C GLU A 168 -8.38 19.43 13.91
N ARG A 169 -8.19 18.39 14.72
CA ARG A 169 -8.15 18.53 16.18
C ARG A 169 -6.95 19.34 16.66
N ILE A 170 -5.81 19.19 15.97
CA ILE A 170 -4.64 20.04 16.21
C ILE A 170 -5.00 21.51 16.03
N ILE A 171 -5.62 21.86 14.89
CA ILE A 171 -6.08 23.23 14.61
C ILE A 171 -7.10 23.70 15.66
N THR A 172 -8.10 22.88 15.93
CA THR A 172 -9.06 23.11 17.02
C THR A 172 -8.39 23.32 18.38
N CYS A 173 -7.34 22.55 18.66
CA CYS A 173 -6.60 22.69 19.92
C CYS A 173 -5.77 23.99 20.02
N LYS A 174 -5.33 24.55 18.89
CA LYS A 174 -4.61 25.84 18.92
C LYS A 174 -5.54 26.92 19.42
N HIS A 175 -6.72 27.00 18.82
CA HIS A 175 -7.69 28.06 19.12
C HIS A 175 -8.56 27.81 20.37
N SER A 176 -8.34 26.70 21.07
CA SER A 176 -8.95 26.54 22.41
C SER A 176 -8.25 27.44 23.41
N SER A 177 -9.02 27.91 24.39
CA SER A 177 -8.48 28.66 25.53
C SER A 177 -8.10 27.73 26.68
N ASP A 178 -8.73 26.55 26.78
CA ASP A 178 -8.32 25.52 27.73
C ASP A 178 -6.88 25.07 27.44
N THR A 179 -6.01 25.15 28.45
CA THR A 179 -4.59 24.84 28.29
C THR A 179 -4.31 23.33 28.20
N ASN A 180 -5.19 22.49 28.77
CA ASN A 180 -5.10 21.03 28.58
C ASN A 180 -5.14 20.65 27.10
N LEU A 181 -6.15 21.15 26.39
CA LEU A 181 -6.27 20.94 24.95
C LEU A 181 -5.12 21.53 24.16
N VAL A 182 -4.71 22.75 24.53
CA VAL A 182 -3.60 23.41 23.85
C VAL A 182 -2.29 22.63 24.06
N THR A 183 -2.13 22.02 25.25
CA THR A 183 -1.00 21.12 25.52
C THR A 183 -1.03 19.93 24.58
N GLU A 184 -2.15 19.20 24.60
CA GLU A 184 -2.34 18.02 23.74
C GLU A 184 -2.24 18.33 22.25
N GLY A 185 -2.71 19.50 21.85
CA GLY A 185 -2.51 19.99 20.48
C GLY A 185 -1.07 20.10 20.05
N LEU A 186 -0.16 20.29 21.03
CA LEU A 186 1.29 20.28 20.79
C LEU A 186 1.88 18.87 20.93
N ILE A 187 1.38 18.09 21.89
CA ILE A 187 1.78 16.68 22.05
C ILE A 187 1.58 15.93 20.73
N ALA A 188 0.42 16.14 20.11
CA ALA A 188 0.07 15.56 18.83
C ALA A 188 0.88 16.16 17.68
N GLU A 189 1.02 17.48 17.66
CA GLU A 189 1.80 18.19 16.63
C GLU A 189 3.28 17.75 16.63
N GLN A 190 3.76 17.32 17.80
CA GLN A 190 5.07 16.69 17.96
C GLN A 190 5.11 15.36 17.23
N PHE A 191 4.18 14.46 17.56
CA PHE A 191 4.11 13.12 16.99
C PHE A 191 4.17 13.09 15.45
N LEU A 192 3.48 14.02 14.80
CA LEU A 192 3.57 14.13 13.34
C LEU A 192 4.92 14.67 12.89
N GLU A 193 5.47 15.64 13.64
CA GLU A 193 6.81 16.19 13.38
C GLU A 193 7.92 15.14 13.53
N THR A 194 7.87 14.37 14.62
CA THR A 194 8.87 13.32 14.87
C THR A 194 8.71 12.06 14.00
N THR A 195 7.48 11.74 13.59
CA THR A 195 7.21 10.57 12.72
C THR A 195 6.85 11.01 11.29
N ALA A 196 7.61 11.98 10.78
CA ALA A 196 7.33 12.62 9.48
C ALA A 196 7.43 11.66 8.30
N ALA A 197 8.51 10.87 8.25
CA ALA A 197 8.56 9.71 7.35
C ALA A 197 7.58 8.73 7.96
N GLN A 198 6.62 8.28 7.18
CA GLN A 198 5.38 7.71 7.74
C GLN A 198 5.54 6.21 8.04
N LEU A 199 6.51 5.91 8.89
CA LEU A 199 6.84 4.55 9.27
C LEU A 199 7.67 4.59 10.53
N THR A 200 7.11 4.11 11.63
CA THR A 200 7.83 4.07 12.89
C THR A 200 8.46 2.71 13.05
N TYR A 201 9.43 2.62 13.95
CA TYR A 201 10.04 1.33 14.27
C TYR A 201 9.00 0.37 14.83
N HIS A 202 8.15 0.84 15.73
CA HIS A 202 7.06 0.01 16.26
C HIS A 202 6.16 -0.52 15.14
N GLY A 203 5.91 0.33 14.15
CA GLY A 203 5.11 -0.05 12.99
C GLY A 203 5.72 -1.18 12.19
N LEU A 204 7.01 -1.05 11.90
CA LEU A 204 7.73 -2.06 11.13
C LEU A 204 7.72 -3.44 11.78
N CYS A 205 7.86 -3.46 13.12
CA CYS A 205 7.79 -4.71 13.89
C CYS A 205 6.40 -5.30 13.79
N GLU A 206 5.39 -4.50 14.11
CA GLU A 206 4.00 -4.95 14.06
C GLU A 206 3.59 -5.41 12.67
N LEU A 207 4.07 -4.69 11.65
CA LEU A 207 3.78 -5.00 10.24
C LEU A 207 4.38 -6.31 9.79
N THR A 208 5.63 -6.57 10.18
CA THR A 208 6.29 -7.83 9.88
C THR A 208 5.51 -9.00 10.48
N ALA A 209 5.28 -8.97 11.79
CA ALA A 209 4.49 -10.00 12.46
C ALA A 209 3.09 -10.20 11.85
N ALA A 210 2.50 -9.11 11.37
CA ALA A 210 1.15 -9.13 10.82
C ALA A 210 1.05 -9.86 9.48
N ALA A 211 1.97 -9.57 8.56
CA ALA A 211 1.91 -10.09 7.19
C ALA A 211 2.02 -11.62 7.13
N LYS A 212 1.17 -12.25 6.32
CA LYS A 212 1.23 -13.71 6.12
C LYS A 212 2.39 -14.06 5.17
N GLU A 213 3.26 -14.96 5.61
CA GLU A 213 4.39 -15.44 4.80
C GLU A 213 3.95 -15.82 3.38
N GLY A 214 4.69 -15.32 2.40
CA GLY A 214 4.42 -15.62 0.99
C GLY A 214 3.11 -15.13 0.40
N GLU A 215 2.45 -14.16 1.04
CA GLU A 215 1.24 -13.53 0.50
C GLU A 215 1.58 -12.15 -0.08
N LEU A 216 0.90 -11.76 -1.15
CA LEU A 216 1.04 -10.41 -1.69
C LEU A 216 0.05 -9.45 -1.05
N SER A 217 0.51 -8.22 -0.83
CA SER A 217 -0.26 -7.18 -0.15
C SER A 217 0.17 -5.81 -0.67
N VAL A 218 -0.56 -4.77 -0.26
CA VAL A 218 -0.23 -3.42 -0.66
C VAL A 218 0.18 -2.61 0.57
N PHE A 219 1.28 -1.86 0.43
CA PHE A 219 1.87 -1.11 1.52
C PHE A 219 1.82 0.37 1.24
N PHE A 220 1.25 1.12 2.19
CA PHE A 220 1.08 2.55 2.06
C PHE A 220 2.05 3.39 2.91
N ARG A 221 2.67 4.38 2.25
CA ARG A 221 3.64 5.24 2.89
C ARG A 221 3.92 6.46 1.99
N ASN A 222 3.85 7.66 2.57
CA ASN A 222 4.10 8.94 1.89
C ASN A 222 3.40 9.01 0.51
N ASN A 223 2.08 8.92 0.55
CA ASN A 223 1.20 8.86 -0.64
C ASN A 223 1.76 8.09 -1.83
N HIS A 224 2.22 6.89 -1.52
CA HIS A 224 2.65 5.91 -2.52
CA HIS A 224 2.65 5.91 -2.52
C HIS A 224 2.16 4.54 -2.08
N PHE A 225 1.74 3.72 -3.04
CA PHE A 225 1.35 2.34 -2.77
C PHE A 225 2.39 1.41 -3.35
N SER A 226 2.91 0.50 -2.54
CA SER A 226 3.90 -0.47 -2.99
C SER A 226 3.30 -1.86 -2.92
N THR A 227 3.76 -2.75 -3.79
CA THR A 227 3.41 -4.19 -3.74
C THR A 227 4.35 -4.89 -2.77
N MET A 228 3.82 -5.53 -1.73
CA MET A 228 4.63 -6.06 -0.64
C MET A 228 4.44 -7.56 -0.46
N THR A 229 5.50 -8.21 -0.02
CA THR A 229 5.41 -9.59 0.41
C THR A 229 6.35 -9.89 1.56
N LYS A 230 6.13 -11.04 2.20
CA LYS A 230 6.94 -11.53 3.30
C LYS A 230 7.64 -12.81 2.85
N HIS A 231 8.92 -12.93 3.18
CA HIS A 231 9.70 -14.09 2.79
C HIS A 231 10.85 -14.42 3.76
N LYS A 232 10.83 -15.64 4.30
CA LYS A 232 11.70 -16.05 5.41
C LYS A 232 11.53 -15.09 6.61
N SER A 233 10.28 -14.72 6.87
CA SER A 233 9.90 -13.72 7.88
C SER A 233 10.61 -12.36 7.81
N HIS A 234 10.84 -11.89 6.58
CA HIS A 234 11.33 -10.54 6.29
C HIS A 234 10.43 -9.93 5.22
N LEU A 235 10.27 -8.61 5.26
CA LEU A 235 9.40 -7.91 4.31
C LEU A 235 10.19 -7.41 3.11
N TYR A 236 9.59 -7.52 1.93
CA TYR A 236 10.18 -7.00 0.71
C TYR A 236 9.11 -6.26 -0.07
N LEU A 237 9.52 -5.24 -0.81
CA LEU A 237 8.63 -4.49 -1.69
C LEU A 237 9.08 -4.68 -3.13
N LEU A 238 8.13 -4.76 -4.04
CA LEU A 238 8.42 -4.94 -5.45
C LEU A 238 9.08 -3.69 -6.00
N VAL A 239 10.01 -3.88 -6.93
CA VAL A 239 10.76 -2.76 -7.52
C VAL A 239 10.04 -2.29 -8.78
N THR A 240 9.11 -1.37 -8.54
CA THR A 240 8.33 -0.69 -9.55
C THR A 240 9.19 0.26 -10.37
N ASP A 241 10.29 0.77 -9.79
CA ASP A 241 11.11 1.78 -10.47
C ASP A 241 11.57 1.40 -11.89
N GLN A 242 11.37 2.34 -12.79
CA GLN A 242 11.62 2.14 -14.22
C GLN A 242 13.10 2.17 -14.56
N GLY A 243 13.90 2.83 -13.71
CA GLY A 243 15.35 2.84 -13.82
C GLY A 243 15.98 1.47 -13.93
N PHE A 244 15.37 0.48 -13.28
CA PHE A 244 15.81 -0.91 -13.37
C PHE A 244 14.95 -1.75 -14.34
N LEU A 245 14.49 -1.13 -15.44
CA LEU A 245 13.64 -1.83 -16.42
C LEU A 245 14.40 -2.96 -17.12
N GLN A 246 15.66 -2.70 -17.45
CA GLN A 246 16.52 -3.70 -18.12
C GLN A 246 17.05 -4.73 -17.13
N GLU A 247 17.14 -4.33 -15.85
CA GLU A 247 17.75 -5.14 -14.81
C GLU A 247 16.79 -6.22 -14.32
N GLU A 248 16.67 -7.29 -15.10
CA GLU A 248 15.81 -8.44 -14.82
C GLU A 248 16.07 -9.08 -13.45
N GLN A 249 17.32 -9.02 -13.01
CA GLN A 249 17.75 -9.55 -11.71
C GLN A 249 17.35 -8.69 -10.50
N VAL A 250 16.85 -7.48 -10.73
CA VAL A 250 16.39 -6.56 -9.66
C VAL A 250 14.85 -6.54 -9.53
N VAL A 251 14.32 -7.24 -8.54
CA VAL A 251 12.87 -7.48 -8.42
C VAL A 251 12.30 -7.06 -7.07
N TRP A 252 12.91 -7.51 -5.98
CA TRP A 252 12.47 -7.15 -4.65
C TRP A 252 13.53 -6.31 -3.94
N GLU A 253 13.07 -5.46 -3.02
CA GLU A 253 13.93 -4.62 -2.21
C GLU A 253 13.49 -4.78 -0.79
N SER A 254 14.44 -5.05 0.09
CA SER A 254 14.15 -5.37 1.48
C SER A 254 13.53 -4.19 2.21
N LEU A 255 12.64 -4.50 3.15
CA LEU A 255 12.12 -3.52 4.10
C LEU A 255 12.43 -4.06 5.49
N HIS A 256 13.71 -3.98 5.83
CA HIS A 256 14.24 -4.47 7.11
C HIS A 256 14.43 -3.33 8.12
N ASN A 257 14.86 -2.15 7.66
CA ASN A 257 15.08 -1.00 8.54
C ASN A 257 14.03 0.10 8.41
N VAL A 258 13.97 0.97 9.41
CA VAL A 258 12.95 2.02 9.49
C VAL A 258 13.20 3.10 8.44
N ASP A 259 14.47 3.40 8.16
CA ASP A 259 14.85 4.14 6.96
C ASP A 259 16.37 4.11 6.82
N GLY A 260 16.85 3.87 5.59
CA GLY A 260 18.27 3.77 5.32
C GLY A 260 18.61 2.78 4.22
N ASP A 261 19.74 2.09 4.37
CA ASP A 261 20.23 1.15 3.35
C ASP A 261 19.39 -0.13 3.26
N SER A 262 19.31 -0.69 2.05
CA SER A 262 18.44 -1.83 1.75
C SER A 262 19.04 -2.67 0.63
N CYS A 263 18.91 -4.00 0.74
CA CYS A 263 19.43 -4.93 -0.27
C CYS A 263 18.37 -5.30 -1.33
N PHE A 264 18.82 -5.36 -2.59
CA PHE A 264 18.00 -5.82 -3.72
C PHE A 264 18.12 -7.34 -3.92
N CYS A 265 17.06 -7.92 -4.49
CA CYS A 265 16.97 -9.36 -4.74
C CYS A 265 16.33 -9.68 -6.09
N ASP A 266 16.63 -10.87 -6.62
CA ASP A 266 15.98 -11.38 -7.83
C ASP A 266 14.61 -11.99 -7.49
N SER A 267 13.90 -12.47 -8.52
CA SER A 267 12.57 -13.09 -8.40
C SER A 267 12.45 -14.15 -7.31
N ASP A 268 13.54 -14.88 -7.04
CA ASP A 268 13.54 -15.96 -6.05
C ASP A 268 14.11 -15.52 -4.69
N PHE A 269 14.26 -14.21 -4.48
CA PHE A 269 14.72 -13.61 -3.21
C PHE A 269 16.20 -13.86 -2.85
N HIS A 270 17.01 -14.05 -3.89
CA HIS A 270 18.47 -14.12 -3.77
C HIS A 270 19.10 -12.78 -4.14
N LEU A 271 20.24 -12.45 -3.52
CA LEU A 271 20.94 -11.18 -3.79
C LEU A 271 21.22 -10.89 -5.25
N SER A 272 21.30 -9.59 -5.54
CA SER A 272 21.51 -9.10 -6.88
C SER A 272 22.17 -7.75 -6.81
N HIS A 273 22.89 -7.38 -7.88
CA HIS A 273 23.53 -6.07 -7.98
C HIS A 273 23.38 -5.50 -9.39
N SER A 274 23.57 -4.19 -9.51
CA SER A 274 23.54 -3.49 -10.80
C SER A 274 24.94 -3.37 -11.41
C1 PEG B . 0.30 14.19 3.92
O1 PEG B . 0.82 15.32 3.19
C2 PEG B . -1.13 13.91 3.50
O2 PEG B . -1.34 12.49 3.38
C3 PEG B . -1.58 11.83 4.64
C4 PEG B . -1.45 10.31 4.49
O4 PEG B . -2.31 9.66 5.45
P PO4 C . 8.20 2.95 0.85
O1 PO4 C . 8.92 2.52 -0.41
O2 PO4 C . 9.01 2.49 2.05
O3 PO4 C . 6.82 2.32 0.87
O4 PO4 C . 8.03 4.46 0.84
HG HG D . -8.27 2.74 1.28
#